data_3REV
#
_entry.id   3REV
#
_cell.length_a   66.240
_cell.length_b   72.770
_cell.length_c   96.070
_cell.angle_alpha   90.00
_cell.angle_beta   90.00
_cell.angle_gamma   90.00
#
_symmetry.space_group_name_H-M   'P 21 21 21'
#
loop_
_entity.id
_entity.type
_entity.pdbx_description
1 polymer 'TCR NB20 ALPHA CHAIN'
2 polymer 'TCR NB20 BETA CHAIN'
3 non-polymer 1,2-ETHANEDIOL
4 water water
#
loop_
_entity_poly.entity_id
_entity_poly.type
_entity_poly.pdbx_seq_one_letter_code
_entity_poly.pdbx_strand_id
1 'polypeptide(L)'
;QSVAQPEDQVNVAEGNPLTVKCTYSVSGNPYLFWYVQYPNRGLQFLLKYITGDNLVKGSYGFEAEFNKSQTSFHLKKPSA
LVSDSALYFCAVRDMNSGNTPLVFGKGTRLSVIANIQKPDPAVYQLRDSKSSDKSVCLFTDFDSQTNVSQSKDSDVYITD
KCVLDMRSMDFKSNSAVAWSNKSDFACANAFNNSIIPEDTFFP
;
A
2 'polypeptide(L)'
;GVTQTPKFQVLKTGQSMTLQCAQDMNHEYMSWYRQDPGMGLRLIHYSVGAGITDQGEVPNGYNVSRSTTEDFPLRLLSAA
PSQTSVYFCASSYVSQNNEQFFGPGTRLTVLEDLKNVFPPEVAVFEPSEAEISHTQKATLVCLATGFYPDHVELSWWVNG
KEVHSGVCTDPQPLKEQPALNDSRYSLSSRLRVSATFWQNPRNHFRCQVQFYGLSENDEWTQDRAKPVTQIVSAEAWGRA
;
B
#
# COMPACT_ATOMS: atom_id res chain seq x y z
N GLN A 1 -19.17 22.32 -6.20
CA GLN A 1 -19.29 20.99 -5.54
C GLN A 1 -17.90 20.47 -5.22
N SER A 2 -17.39 20.79 -4.03
CA SER A 2 -16.07 20.35 -3.65
C SER A 2 -15.93 20.09 -2.16
N VAL A 3 -14.82 19.43 -1.81
CA VAL A 3 -14.52 19.11 -0.42
C VAL A 3 -13.05 19.42 -0.22
N ALA A 4 -12.69 19.75 1.02
CA ALA A 4 -11.30 20.07 1.32
C ALA A 4 -10.84 19.40 2.61
N GLN A 5 -9.69 18.74 2.52
CA GLN A 5 -9.08 18.09 3.67
C GLN A 5 -7.81 18.90 3.84
N PRO A 6 -7.87 19.94 4.70
CA PRO A 6 -6.80 20.88 5.03
C PRO A 6 -5.42 20.32 5.37
N GLU A 7 -5.37 19.15 6.00
CA GLU A 7 -4.10 18.52 6.36
C GLU A 7 -3.80 17.30 5.51
N ASP A 8 -2.52 17.10 5.21
CA ASP A 8 -2.12 15.96 4.40
C ASP A 8 -1.74 14.77 5.27
N GLN A 9 -1.07 15.06 6.38
CA GLN A 9 -0.62 14.01 7.29
C GLN A 9 -1.15 14.26 8.69
N VAL A 10 -1.49 13.18 9.38
CA VAL A 10 -1.97 13.28 10.76
C VAL A 10 -1.37 12.14 11.56
N ASN A 11 -0.80 12.46 12.72
CA ASN A 11 -0.20 11.45 13.56
C ASN A 11 -0.93 11.36 14.88
N VAL A 12 -1.22 10.13 15.30
CA VAL A 12 -1.91 9.89 16.55
C VAL A 12 -1.23 8.72 17.23
N ALA A 13 -1.13 8.78 18.55
CA ALA A 13 -0.50 7.72 19.33
C ALA A 13 -1.51 6.60 19.50
N GLU A 14 -1.03 5.37 19.46
CA GLU A 14 -1.88 4.21 19.63
C GLU A 14 -2.76 4.37 20.88
N GLY A 15 -4.05 4.09 20.75
CA GLY A 15 -4.96 4.22 21.87
C GLY A 15 -5.62 5.57 22.04
N ASN A 16 -5.01 6.63 21.49
CA ASN A 16 -5.58 7.97 21.60
C ASN A 16 -6.63 8.31 20.53
N PRO A 17 -7.42 9.37 20.77
CA PRO A 17 -8.45 9.80 19.83
C PRO A 17 -7.82 10.27 18.53
N LEU A 18 -8.56 10.16 17.43
CA LEU A 18 -8.06 10.61 16.15
C LEU A 18 -9.10 11.49 15.47
N THR A 19 -8.63 12.45 14.70
CA THR A 19 -9.50 13.36 13.98
C THR A 19 -8.91 13.61 12.61
N VAL A 20 -9.74 13.48 11.58
CA VAL A 20 -9.33 13.74 10.21
C VAL A 20 -10.30 14.79 9.69
N LYS A 21 -9.78 15.97 9.41
CA LYS A 21 -10.60 17.09 8.96
C LYS A 21 -11.03 17.11 7.50
N CYS A 22 -12.21 17.66 7.29
CA CYS A 22 -12.78 17.78 5.97
C CYS A 22 -13.83 18.88 6.01
N THR A 23 -13.80 19.74 4.99
CA THR A 23 -14.77 20.82 4.87
C THR A 23 -15.36 20.72 3.46
N TYR A 24 -16.58 21.20 3.30
CA TYR A 24 -17.24 21.14 2.01
C TYR A 24 -17.76 22.51 1.53
N SER A 25 -17.99 22.61 0.23
CA SER A 25 -18.52 23.81 -0.41
C SER A 25 -19.63 23.32 -1.33
N VAL A 26 -20.88 23.57 -0.93
CA VAL A 26 -22.02 23.11 -1.72
C VAL A 26 -23.18 24.11 -1.82
N SER A 27 -23.84 24.10 -2.97
CA SER A 27 -24.97 25.00 -3.23
C SER A 27 -26.21 24.57 -2.44
N GLY A 28 -26.53 23.29 -2.50
CA GLY A 28 -27.69 22.79 -1.79
C GLY A 28 -27.28 21.98 -0.57
N ASN A 29 -28.14 21.06 -0.14
CA ASN A 29 -27.81 20.23 1.02
C ASN A 29 -26.70 19.27 0.64
N PRO A 30 -25.71 19.10 1.52
CA PRO A 30 -24.63 18.19 1.15
C PRO A 30 -24.82 16.76 1.69
N TYR A 31 -24.36 15.79 0.91
CA TYR A 31 -24.39 14.38 1.29
C TYR A 31 -22.90 14.08 1.39
N LEU A 32 -22.43 13.79 2.59
CA LEU A 32 -21.02 13.56 2.84
C LEU A 32 -20.65 12.10 3.15
N PHE A 33 -19.47 11.70 2.70
CA PHE A 33 -19.00 10.33 2.88
C PHE A 33 -17.53 10.26 3.27
N TRP A 34 -17.19 9.22 4.01
CA TRP A 34 -15.80 8.99 4.38
C TRP A 34 -15.46 7.58 3.93
N TYR A 35 -14.26 7.43 3.40
CA TYR A 35 -13.75 6.15 2.89
C TYR A 35 -12.35 6.00 3.42
N VAL A 36 -11.91 4.76 3.57
CA VAL A 36 -10.56 4.50 4.02
C VAL A 36 -9.88 3.66 2.96
N GLN A 37 -8.59 3.89 2.74
CA GLN A 37 -7.85 3.11 1.77
C GLN A 37 -6.60 2.56 2.43
N TYR A 38 -6.57 1.26 2.64
CA TYR A 38 -5.40 0.64 3.24
C TYR A 38 -4.35 0.41 2.13
N PRO A 39 -3.08 0.25 2.50
CA PRO A 39 -2.04 0.04 1.49
C PRO A 39 -2.35 -0.99 0.40
N ASN A 40 -2.28 -0.53 -0.85
CA ASN A 40 -2.52 -1.35 -2.04
C ASN A 40 -3.93 -1.87 -2.24
N ARG A 41 -4.90 -1.23 -1.60
CA ARG A 41 -6.27 -1.66 -1.74
C ARG A 41 -7.12 -0.57 -2.37
N GLY A 42 -8.40 -0.88 -2.54
CA GLY A 42 -9.34 0.08 -3.10
C GLY A 42 -9.94 0.82 -1.93
N LEU A 43 -10.78 1.81 -2.18
CA LEU A 43 -11.39 2.53 -1.08
C LEU A 43 -12.51 1.69 -0.44
N GLN A 44 -12.63 1.78 0.89
CA GLN A 44 -13.66 1.07 1.62
C GLN A 44 -14.53 2.09 2.34
N PHE A 45 -15.84 1.97 2.19
CA PHE A 45 -16.80 2.88 2.80
C PHE A 45 -16.80 2.80 4.32
N LEU A 46 -16.77 3.95 4.99
CA LEU A 46 -16.81 3.96 6.45
C LEU A 46 -18.18 4.44 6.94
N LEU A 47 -18.56 5.63 6.51
CA LEU A 47 -19.83 6.20 6.93
C LEU A 47 -20.26 7.36 6.03
N LYS A 48 -21.48 7.84 6.23
CA LYS A 48 -22.01 8.93 5.43
C LYS A 48 -23.05 9.72 6.21
N TYR A 49 -23.27 10.95 5.79
CA TYR A 49 -24.28 11.81 6.41
C TYR A 49 -25.24 12.25 5.32
N ILE A 50 -26.53 12.00 5.53
CA ILE A 50 -27.53 12.37 4.55
C ILE A 50 -28.48 13.42 5.11
N THR A 51 -29.11 13.10 6.24
CA THR A 51 -30.05 14.02 6.88
C THR A 51 -30.32 13.61 8.33
N GLY A 52 -30.70 14.59 9.14
CA GLY A 52 -31.00 14.31 10.53
C GLY A 52 -29.86 14.41 11.53
N ASP A 53 -29.72 13.39 12.35
CA ASP A 53 -28.66 13.33 13.36
C ASP A 53 -27.33 13.73 12.76
N ASN A 54 -26.71 14.78 13.30
CA ASN A 54 -25.43 15.23 12.79
C ASN A 54 -24.29 14.30 13.19
N LEU A 55 -24.53 13.45 14.19
CA LEU A 55 -23.52 12.50 14.64
C LEU A 55 -23.83 11.15 13.98
N VAL A 56 -22.95 10.71 13.08
CA VAL A 56 -23.15 9.44 12.40
C VAL A 56 -22.06 8.45 12.77
N LYS A 57 -22.45 7.18 12.85
CA LYS A 57 -21.54 6.09 13.20
C LYS A 57 -21.34 5.21 11.98
N GLY A 58 -20.13 4.65 11.85
CA GLY A 58 -19.85 3.80 10.71
C GLY A 58 -19.05 2.55 11.04
N SER A 59 -18.44 1.97 10.01
CA SER A 59 -17.64 0.77 10.15
C SER A 59 -16.38 0.99 10.97
N TYR A 60 -15.96 -0.06 11.67
CA TYR A 60 -14.74 -0.04 12.48
C TYR A 60 -14.69 1.04 13.57
N GLY A 61 -15.83 1.31 14.19
CA GLY A 61 -15.88 2.29 15.27
C GLY A 61 -15.71 3.76 14.92
N PHE A 62 -15.70 4.08 13.62
CA PHE A 62 -15.55 5.47 13.22
C PHE A 62 -16.85 6.25 13.37
N GLU A 63 -16.71 7.56 13.53
CA GLU A 63 -17.86 8.42 13.63
C GLU A 63 -17.52 9.74 12.95
N ALA A 64 -18.51 10.59 12.74
CA ALA A 64 -18.26 11.89 12.13
C ALA A 64 -19.41 12.80 12.49
N GLU A 65 -19.12 14.08 12.65
CA GLU A 65 -20.16 15.05 13.01
C GLU A 65 -20.36 16.11 11.93
N PHE A 66 -21.57 16.14 11.38
CA PHE A 66 -21.91 17.12 10.37
C PHE A 66 -22.12 18.46 11.06
N ASN A 67 -21.22 19.41 10.81
CA ASN A 67 -21.34 20.73 11.41
C ASN A 67 -21.61 21.76 10.31
N LYS A 68 -22.88 22.08 10.12
CA LYS A 68 -23.33 23.04 9.11
C LYS A 68 -22.64 24.39 9.25
N SER A 69 -22.81 25.03 10.40
CA SER A 69 -22.23 26.34 10.66
C SER A 69 -20.75 26.41 10.29
N GLN A 70 -20.06 25.27 10.37
CA GLN A 70 -18.64 25.23 10.01
C GLN A 70 -18.40 24.58 8.66
N THR A 71 -19.47 24.07 8.04
CA THR A 71 -19.36 23.37 6.76
C THR A 71 -18.22 22.37 6.87
N SER A 72 -18.29 21.55 7.92
CA SER A 72 -17.27 20.54 8.17
C SER A 72 -17.91 19.20 8.47
N PHE A 73 -17.14 18.14 8.28
CA PHE A 73 -17.62 16.78 8.51
C PHE A 73 -16.39 15.97 8.89
N HIS A 74 -15.81 16.29 10.05
CA HIS A 74 -14.61 15.63 10.53
C HIS A 74 -14.82 14.19 10.93
N LEU A 75 -13.86 13.34 10.56
CA LEU A 75 -13.87 11.92 10.85
C LEU A 75 -13.24 11.71 12.25
N LYS A 76 -13.91 10.94 13.10
CA LYS A 76 -13.37 10.71 14.44
C LYS A 76 -13.47 9.26 14.90
N LYS A 77 -12.61 8.92 15.87
CA LYS A 77 -12.58 7.60 16.47
C LYS A 77 -11.98 7.74 17.87
N PRO A 78 -12.74 7.34 18.91
CA PRO A 78 -12.29 7.43 20.30
C PRO A 78 -10.89 6.86 20.60
N SER A 79 -10.67 5.59 20.28
CA SER A 79 -9.38 4.97 20.54
C SER A 79 -8.77 4.42 19.25
N ALA A 80 -7.67 5.02 18.81
CA ALA A 80 -7.00 4.62 17.58
C ALA A 80 -6.19 3.35 17.67
N LEU A 81 -6.28 2.52 16.63
CA LEU A 81 -5.53 1.28 16.54
C LEU A 81 -4.42 1.49 15.50
N VAL A 82 -3.35 0.72 15.61
CA VAL A 82 -2.23 0.82 14.68
C VAL A 82 -2.73 0.44 13.27
N SER A 83 -3.68 -0.49 13.23
CA SER A 83 -4.25 -0.95 11.98
C SER A 83 -5.13 0.10 11.30
N ASP A 84 -5.41 1.19 12.01
CA ASP A 84 -6.21 2.28 11.44
C ASP A 84 -5.30 3.16 10.59
N SER A 85 -4.00 2.84 10.56
CA SER A 85 -3.05 3.60 9.76
C SER A 85 -3.40 3.41 8.28
N ALA A 86 -3.77 4.49 7.61
CA ALA A 86 -4.16 4.43 6.21
C ALA A 86 -4.41 5.83 5.64
N LEU A 87 -4.96 5.87 4.44
CA LEU A 87 -5.31 7.13 3.78
C LEU A 87 -6.81 7.29 3.95
N TYR A 88 -7.26 8.50 4.28
CA TYR A 88 -8.69 8.72 4.45
C TYR A 88 -9.20 9.77 3.47
N PHE A 89 -10.34 9.47 2.87
CA PHE A 89 -10.96 10.36 1.91
C PHE A 89 -12.39 10.71 2.27
N CYS A 90 -12.74 11.99 2.24
CA CYS A 90 -14.12 12.34 2.48
C CYS A 90 -14.56 12.69 1.08
N ALA A 91 -15.84 12.52 0.79
CA ALA A 91 -16.34 12.83 -0.54
C ALA A 91 -17.66 13.51 -0.35
N VAL A 92 -18.15 14.16 -1.40
CA VAL A 92 -19.40 14.87 -1.30
C VAL A 92 -20.21 14.83 -2.58
N ARG A 93 -21.51 14.99 -2.42
CA ARG A 93 -22.43 15.05 -3.53
C ARG A 93 -23.41 16.16 -3.19
N ASP A 94 -23.55 17.12 -4.09
CA ASP A 94 -24.46 18.24 -3.89
C ASP A 94 -25.86 17.77 -4.25
N MET A 95 -26.78 17.89 -3.30
CA MET A 95 -28.15 17.49 -3.51
C MET A 95 -28.73 18.20 -4.74
N ASN A 96 -28.27 19.42 -5.01
CA ASN A 96 -28.75 20.20 -6.14
C ASN A 96 -27.90 19.99 -7.41
N SER A 97 -27.08 18.95 -7.42
CA SER A 97 -26.21 18.66 -8.54
C SER A 97 -26.89 17.83 -9.64
N GLY A 98 -27.48 16.70 -9.26
CA GLY A 98 -28.17 15.87 -10.23
C GLY A 98 -27.67 14.45 -10.46
N ASN A 99 -27.41 13.73 -9.38
CA ASN A 99 -26.93 12.34 -9.47
C ASN A 99 -25.56 12.15 -10.11
N THR A 100 -24.60 13.01 -9.77
CA THR A 100 -23.25 12.89 -10.31
C THR A 100 -22.42 11.93 -9.47
N PRO A 101 -21.31 11.43 -10.03
CA PRO A 101 -20.50 10.51 -9.22
C PRO A 101 -19.97 11.31 -8.04
N LEU A 102 -19.48 10.63 -7.02
CA LEU A 102 -18.95 11.34 -5.85
C LEU A 102 -17.72 12.16 -6.22
N VAL A 103 -17.52 13.24 -5.47
CA VAL A 103 -16.38 14.14 -5.65
C VAL A 103 -15.51 13.98 -4.41
N PHE A 104 -14.26 13.59 -4.60
CA PHE A 104 -13.34 13.35 -3.49
C PHE A 104 -12.34 14.45 -3.19
N GLY A 105 -11.83 14.43 -1.96
CA GLY A 105 -10.81 15.37 -1.54
C GLY A 105 -9.49 14.70 -1.89
N LYS A 106 -8.38 15.35 -1.57
CA LYS A 106 -7.05 14.81 -1.86
C LYS A 106 -6.61 13.73 -0.87
N GLY A 107 -7.40 13.51 0.16
CA GLY A 107 -7.05 12.49 1.15
C GLY A 107 -6.09 12.99 2.21
N THR A 108 -6.01 12.23 3.30
CA THR A 108 -5.14 12.56 4.42
C THR A 108 -4.57 11.25 4.95
N ARG A 109 -3.25 11.20 5.11
CA ARG A 109 -2.63 9.98 5.63
C ARG A 109 -2.61 9.98 7.16
N LEU A 110 -3.18 8.92 7.72
CA LEU A 110 -3.24 8.77 9.16
C LEU A 110 -2.19 7.75 9.63
N SER A 111 -1.31 8.20 10.51
CA SER A 111 -0.28 7.33 11.06
C SER A 111 -0.54 7.13 12.54
N VAL A 112 -0.78 5.88 12.93
CA VAL A 112 -1.02 5.53 14.32
C VAL A 112 0.25 4.94 14.89
N ILE A 113 0.96 5.73 15.68
CA ILE A 113 2.24 5.31 16.26
C ILE A 113 2.11 4.28 17.38
N ALA A 114 2.71 3.12 17.17
CA ALA A 114 2.65 2.03 18.15
C ALA A 114 3.25 2.43 19.50
N ASN A 115 2.62 1.98 20.57
CA ASN A 115 3.08 2.28 21.92
C ASN A 115 4.05 1.19 22.36
N ILE A 116 5.35 1.43 22.21
CA ILE A 116 6.36 0.45 22.60
C ILE A 116 6.62 0.59 24.11
N GLN A 117 5.97 -0.24 24.90
CA GLN A 117 6.14 -0.16 26.35
C GLN A 117 7.39 -0.82 26.92
N LYS A 118 8.04 -1.69 26.16
CA LYS A 118 9.25 -2.36 26.62
C LYS A 118 10.38 -2.29 25.61
N PRO A 119 10.83 -1.07 25.27
CA PRO A 119 11.93 -0.95 24.31
C PRO A 119 13.15 -1.76 24.69
N ASP A 120 13.88 -2.25 23.69
CA ASP A 120 15.09 -3.04 23.91
C ASP A 120 15.87 -2.96 22.60
N PRO A 121 16.20 -1.73 22.18
CA PRO A 121 16.94 -1.53 20.93
C PRO A 121 18.15 -2.43 20.78
N ALA A 122 18.37 -2.92 19.57
CA ALA A 122 19.50 -3.79 19.28
C ALA A 122 19.69 -3.98 17.79
N VAL A 123 20.94 -4.10 17.37
CA VAL A 123 21.27 -4.29 15.97
C VAL A 123 21.87 -5.69 15.79
N TYR A 124 21.14 -6.57 15.12
CA TYR A 124 21.58 -7.94 14.89
C TYR A 124 22.02 -8.12 13.44
N GLN A 125 22.78 -9.17 13.18
CA GLN A 125 23.23 -9.47 11.82
C GLN A 125 22.67 -10.83 11.41
N LEU A 126 22.05 -10.89 10.25
CA LEU A 126 21.45 -12.13 9.75
C LEU A 126 22.15 -12.60 8.49
N ARG A 127 22.40 -13.91 8.40
CA ARG A 127 23.08 -14.47 7.24
C ARG A 127 22.11 -15.00 6.20
N ASP A 128 22.54 -15.02 4.96
CA ASP A 128 21.72 -15.52 3.86
C ASP A 128 21.50 -17.01 4.09
N SER A 129 20.33 -17.52 3.70
CA SER A 129 20.00 -18.92 3.88
C SER A 129 20.51 -19.82 2.76
N LYS A 130 21.13 -19.24 1.74
CA LYS A 130 21.63 -20.03 0.63
C LYS A 130 23.12 -19.91 0.42
N SER A 131 23.69 -18.79 0.87
CA SER A 131 25.11 -18.59 0.69
C SER A 131 25.75 -17.68 1.73
N SER A 132 27.05 -17.87 1.92
CA SER A 132 27.82 -17.03 2.81
C SER A 132 28.00 -15.79 1.94
N ASP A 133 28.72 -14.80 2.44
CA ASP A 133 28.91 -13.54 1.70
C ASP A 133 27.85 -12.58 2.20
N LYS A 134 26.67 -12.69 1.60
CA LYS A 134 25.52 -11.84 1.90
C LYS A 134 25.05 -11.84 3.35
N SER A 135 24.67 -10.65 3.81
CA SER A 135 24.15 -10.45 5.15
C SER A 135 23.38 -9.13 5.18
N VAL A 136 22.55 -8.96 6.21
CA VAL A 136 21.80 -7.73 6.38
C VAL A 136 21.88 -7.38 7.86
N CYS A 137 21.69 -6.11 8.17
CA CYS A 137 21.74 -5.66 9.55
C CYS A 137 20.33 -5.28 9.97
N LEU A 138 19.90 -5.78 11.12
CA LEU A 138 18.56 -5.49 11.60
C LEU A 138 18.53 -4.66 12.87
N PHE A 139 18.04 -3.43 12.75
CA PHE A 139 17.90 -2.55 13.90
C PHE A 139 16.45 -2.77 14.35
N THR A 140 16.27 -3.38 15.51
CA THR A 140 14.93 -3.71 16.01
C THR A 140 14.65 -3.36 17.48
N ASP A 141 13.38 -3.43 17.83
CA ASP A 141 12.91 -3.19 19.19
C ASP A 141 13.07 -1.79 19.79
N PHE A 142 13.34 -0.79 18.96
CA PHE A 142 13.46 0.58 19.46
C PHE A 142 12.06 1.16 19.66
N ASP A 143 11.90 2.11 20.56
CA ASP A 143 10.56 2.69 20.74
C ASP A 143 10.32 3.68 19.61
N SER A 144 9.09 4.14 19.48
CA SER A 144 8.78 5.07 18.40
C SER A 144 9.34 6.48 18.53
N GLN A 145 10.22 6.69 19.51
CA GLN A 145 10.85 7.99 19.67
C GLN A 145 12.03 8.04 18.71
N THR A 146 12.42 6.86 18.20
CA THR A 146 13.54 6.74 17.29
C THR A 146 13.22 6.99 15.81
N ASN A 147 14.12 7.69 15.15
CA ASN A 147 13.98 8.00 13.73
C ASN A 147 15.11 7.34 12.94
N VAL A 148 14.74 6.52 11.96
CA VAL A 148 15.72 5.85 11.11
C VAL A 148 16.00 6.74 9.91
N SER A 149 17.26 7.16 9.77
CA SER A 149 17.67 8.03 8.68
C SER A 149 18.29 7.22 7.55
N GLN A 150 18.24 7.77 6.34
CA GLN A 150 18.81 7.10 5.17
C GLN A 150 20.33 7.11 5.30
N SER A 151 21.01 6.29 4.50
CA SER A 151 22.47 6.21 4.55
C SER A 151 23.15 7.26 3.68
N LYS A 152 24.23 7.83 4.21
CA LYS A 152 25.00 8.84 3.48
C LYS A 152 25.73 8.17 2.33
N ASP A 153 26.31 7.01 2.63
CA ASP A 153 27.03 6.24 1.64
C ASP A 153 26.05 5.70 0.61
N SER A 154 26.33 5.99 -0.65
CA SER A 154 25.49 5.57 -1.76
C SER A 154 25.45 4.05 -1.93
N ASP A 155 26.41 3.36 -1.31
CA ASP A 155 26.47 1.90 -1.41
C ASP A 155 25.76 1.21 -0.25
N VAL A 156 25.17 1.99 0.64
CA VAL A 156 24.48 1.42 1.79
C VAL A 156 22.98 1.70 1.72
N TYR A 157 22.20 0.63 1.83
CA TYR A 157 20.75 0.76 1.77
C TYR A 157 20.12 0.55 3.13
N ILE A 158 19.22 1.46 3.48
CA ILE A 158 18.52 1.38 4.76
C ILE A 158 17.03 1.62 4.55
N THR A 159 16.22 0.68 5.01
CA THR A 159 14.78 0.78 4.88
C THR A 159 14.22 1.55 6.07
N ASP A 160 13.07 2.18 5.89
CA ASP A 160 12.45 2.95 6.97
C ASP A 160 11.94 1.99 8.04
N LYS A 161 11.56 2.52 9.20
CA LYS A 161 11.05 1.66 10.27
C LYS A 161 9.75 1.02 9.81
N CYS A 162 9.34 -0.02 10.54
CA CYS A 162 8.18 -0.79 10.15
C CYS A 162 7.74 -1.57 11.39
N VAL A 163 6.47 -1.44 11.77
CA VAL A 163 5.97 -2.12 12.95
C VAL A 163 5.28 -3.45 12.62
N LEU A 164 5.69 -4.50 13.32
CA LEU A 164 5.10 -5.82 13.13
C LEU A 164 4.33 -6.18 14.40
N ASP A 165 3.24 -6.91 14.23
CA ASP A 165 2.39 -7.28 15.35
C ASP A 165 2.23 -8.80 15.49
N MET A 166 2.84 -9.36 16.53
CA MET A 166 2.73 -10.78 16.80
C MET A 166 1.48 -10.96 17.67
N ARG A 167 0.33 -11.04 17.01
CA ARG A 167 -0.95 -11.18 17.70
C ARG A 167 -0.99 -12.31 18.72
N SER A 168 -0.35 -13.44 18.40
CA SER A 168 -0.32 -14.59 19.31
C SER A 168 0.36 -14.24 20.62
N MET A 169 0.89 -13.02 20.70
CA MET A 169 1.58 -12.56 21.90
C MET A 169 1.19 -11.13 22.25
N ASP A 170 0.29 -10.54 21.48
CA ASP A 170 -0.15 -9.17 21.71
C ASP A 170 1.13 -8.34 21.84
N PHE A 171 2.13 -8.68 21.04
CA PHE A 171 3.42 -8.02 21.05
C PHE A 171 3.69 -7.32 19.72
N LYS A 172 4.15 -6.08 19.79
CA LYS A 172 4.48 -5.30 18.59
C LYS A 172 5.90 -4.76 18.72
N SER A 173 6.56 -4.56 17.59
CA SER A 173 7.93 -4.06 17.60
C SER A 173 8.32 -3.40 16.28
N ASN A 174 9.24 -2.43 16.36
CA ASN A 174 9.72 -1.73 15.18
C ASN A 174 11.04 -2.35 14.72
N SER A 175 11.38 -2.14 13.46
CA SER A 175 12.64 -2.65 12.90
C SER A 175 12.92 -1.99 11.56
N ALA A 176 14.20 -1.88 11.25
CA ALA A 176 14.65 -1.31 9.99
C ALA A 176 15.75 -2.24 9.52
N VAL A 177 15.88 -2.36 8.20
CA VAL A 177 16.90 -3.24 7.64
C VAL A 177 17.94 -2.41 6.90
N ALA A 178 19.19 -2.85 6.99
CA ALA A 178 20.27 -2.17 6.31
C ALA A 178 21.22 -3.21 5.72
N TRP A 179 21.64 -2.98 4.49
CA TRP A 179 22.57 -3.90 3.85
C TRP A 179 23.37 -3.15 2.81
N SER A 180 24.48 -3.76 2.38
CA SER A 180 25.35 -3.15 1.38
C SER A 180 26.18 -4.21 0.68
N ASN A 181 26.35 -4.06 -0.63
CA ASN A 181 27.13 -5.03 -1.38
C ASN A 181 28.62 -4.72 -1.31
N LYS A 182 28.98 -3.71 -0.51
CA LYS A 182 30.37 -3.30 -0.33
C LYS A 182 31.10 -4.32 0.52
N PHE A 185 31.65 -3.00 4.63
CA PHE A 185 30.43 -2.70 5.35
C PHE A 185 30.22 -3.61 6.56
N ALA A 186 29.85 -3.00 7.68
CA ALA A 186 29.61 -3.72 8.92
C ALA A 186 28.38 -3.15 9.64
N CYS A 187 27.71 -4.01 10.42
CA CYS A 187 26.52 -3.58 11.15
C CYS A 187 26.84 -2.55 12.23
N ALA A 188 28.01 -2.69 12.84
CA ALA A 188 28.44 -1.77 13.89
C ALA A 188 28.28 -0.32 13.46
N ASN A 189 28.52 -0.04 12.19
CA ASN A 189 28.42 1.32 11.68
C ASN A 189 27.31 1.45 10.64
N ALA A 190 26.40 0.49 10.61
CA ALA A 190 25.31 0.50 9.66
C ALA A 190 24.36 1.68 9.85
N PHE A 191 23.87 1.83 11.07
CA PHE A 191 22.93 2.90 11.38
C PHE A 191 23.60 4.10 12.05
N ASN A 192 24.93 4.09 12.03
CA ASN A 192 25.71 5.19 12.57
C ASN A 192 25.07 6.55 12.21
N ASN A 193 24.83 6.76 10.90
CA ASN A 193 24.32 8.04 10.41
C ASN A 193 22.97 8.45 10.96
N SER A 194 22.19 7.47 11.34
CA SER A 194 20.91 7.70 12.02
C SER A 194 21.36 8.44 13.31
N ILE A 195 20.51 8.38 14.34
CA ILE A 195 20.86 8.83 15.68
C ILE A 195 20.20 7.77 16.59
N ILE A 196 20.95 6.72 16.91
CA ILE A 196 20.45 5.60 17.68
C ILE A 196 20.56 5.70 19.19
N PRO A 197 19.60 5.09 19.90
CA PRO A 197 19.62 5.11 21.37
C PRO A 197 21.02 4.79 21.89
N GLU A 198 21.42 5.47 22.96
CA GLU A 198 22.73 5.26 23.55
C GLU A 198 22.86 3.84 24.10
N ASP A 199 21.73 3.28 24.52
CA ASP A 199 21.68 1.94 25.10
C ASP A 199 21.38 0.81 24.10
N THR A 200 21.82 0.97 22.85
CA THR A 200 21.58 -0.06 21.84
C THR A 200 22.52 -1.25 21.93
N PHE A 201 21.93 -2.43 22.04
CA PHE A 201 22.66 -3.69 22.15
C PHE A 201 23.31 -4.09 20.82
N PHE A 202 24.63 -4.10 20.81
CA PHE A 202 25.41 -4.44 19.62
C PHE A 202 26.21 -5.73 19.82
N PRO A 203 25.54 -6.89 19.76
CA PRO A 203 26.26 -8.15 19.95
C PRO A 203 27.32 -8.37 18.86
N GLY B 1 -19.61 -8.19 -5.43
CA GLY B 1 -18.89 -6.89 -5.29
C GLY B 1 -18.35 -6.39 -6.61
N VAL B 2 -17.36 -5.50 -6.53
CA VAL B 2 -16.75 -4.93 -7.72
C VAL B 2 -15.39 -5.56 -7.96
N THR B 3 -15.16 -6.04 -9.18
CA THR B 3 -13.88 -6.66 -9.51
C THR B 3 -13.23 -5.95 -10.70
N GLN B 4 -11.90 -5.94 -10.71
CA GLN B 4 -11.13 -5.32 -11.78
C GLN B 4 -9.96 -6.21 -12.20
N THR B 5 -9.67 -6.22 -13.49
CA THR B 5 -8.54 -6.97 -14.00
C THR B 5 -7.95 -6.15 -15.15
N PRO B 6 -6.63 -6.12 -15.27
CA PRO B 6 -5.68 -6.81 -14.38
C PRO B 6 -5.48 -5.96 -13.14
N LYS B 7 -4.75 -6.48 -12.15
CA LYS B 7 -4.51 -5.72 -10.94
C LYS B 7 -3.26 -4.85 -11.14
N PHE B 8 -2.39 -5.31 -12.03
CA PHE B 8 -1.15 -4.62 -12.34
C PHE B 8 -0.94 -4.74 -13.85
N GLN B 9 -0.29 -3.75 -14.44
CA GLN B 9 -0.03 -3.79 -15.86
C GLN B 9 1.07 -2.81 -16.27
N VAL B 10 1.99 -3.29 -17.12
CA VAL B 10 3.05 -2.43 -17.62
C VAL B 10 2.78 -2.30 -19.12
N LEU B 11 2.95 -1.08 -19.65
CA LEU B 11 2.71 -0.82 -21.06
C LEU B 11 3.79 0.02 -21.71
N LYS B 12 4.02 -0.26 -22.99
CA LYS B 12 4.98 0.49 -23.78
C LYS B 12 4.19 1.63 -24.42
N THR B 13 4.77 2.82 -24.43
CA THR B 13 4.12 3.98 -25.02
C THR B 13 3.51 3.63 -26.37
N GLY B 14 2.28 4.09 -26.59
CA GLY B 14 1.61 3.82 -27.86
C GLY B 14 0.69 2.61 -27.84
N GLN B 15 0.92 1.66 -26.94
CA GLN B 15 0.08 0.46 -26.87
C GLN B 15 -1.34 0.73 -26.37
N SER B 16 -2.26 -0.14 -26.76
CA SER B 16 -3.65 -0.01 -26.33
C SER B 16 -3.88 -1.04 -25.23
N MET B 17 -4.84 -0.76 -24.36
CA MET B 17 -5.15 -1.64 -23.24
C MET B 17 -6.59 -1.46 -22.78
N THR B 18 -7.21 -2.54 -22.33
CA THR B 18 -8.58 -2.47 -21.84
C THR B 18 -8.61 -2.99 -20.41
N LEU B 19 -9.05 -2.15 -19.48
CA LEU B 19 -9.15 -2.54 -18.08
C LEU B 19 -10.58 -3.00 -17.88
N GLN B 20 -10.76 -4.20 -17.34
CA GLN B 20 -12.10 -4.73 -17.11
C GLN B 20 -12.65 -4.39 -15.73
N CYS B 21 -13.96 -4.16 -15.67
CA CYS B 21 -14.66 -3.89 -14.42
C CYS B 21 -16.05 -4.49 -14.46
N ALA B 22 -16.37 -5.29 -13.45
CA ALA B 22 -17.67 -5.93 -13.34
C ALA B 22 -18.20 -5.79 -11.92
N GLN B 23 -19.51 -5.73 -11.79
CA GLN B 23 -20.18 -5.65 -10.50
C GLN B 23 -21.46 -6.45 -10.63
N ASP B 24 -21.75 -7.27 -9.63
CA ASP B 24 -22.92 -8.13 -9.66
C ASP B 24 -23.98 -7.73 -8.64
N MET B 25 -24.14 -6.42 -8.45
CA MET B 25 -25.09 -5.92 -7.47
C MET B 25 -26.24 -5.16 -8.14
N ASN B 26 -26.35 -5.31 -9.46
CA ASN B 26 -27.40 -4.62 -10.22
C ASN B 26 -27.28 -3.10 -10.12
N HIS B 27 -26.08 -2.60 -9.86
CA HIS B 27 -25.87 -1.16 -9.75
C HIS B 27 -26.03 -0.51 -11.14
N GLU B 28 -26.78 0.59 -11.19
CA GLU B 28 -27.00 1.30 -12.45
C GLU B 28 -25.78 2.13 -12.82
N TYR B 29 -25.21 2.80 -11.81
CA TYR B 29 -24.06 3.66 -12.00
C TYR B 29 -22.70 3.00 -11.83
N MET B 30 -21.84 3.18 -12.82
CA MET B 30 -20.46 2.67 -12.75
C MET B 30 -19.58 3.85 -13.16
N SER B 31 -18.35 3.88 -12.66
CA SER B 31 -17.45 4.99 -12.94
C SER B 31 -15.98 4.62 -12.82
N TRP B 32 -15.13 5.42 -13.45
CA TRP B 32 -13.69 5.19 -13.42
C TRP B 32 -13.00 6.43 -12.93
N TYR B 33 -12.10 6.26 -11.95
CA TYR B 33 -11.30 7.35 -11.40
C TYR B 33 -9.84 6.96 -11.47
N ARG B 34 -8.96 7.96 -11.51
CA ARG B 34 -7.53 7.68 -11.45
C ARG B 34 -7.05 8.37 -10.19
N GLN B 35 -6.10 7.75 -9.51
CA GLN B 35 -5.55 8.29 -8.28
C GLN B 35 -4.07 8.56 -8.51
N ASP B 36 -3.67 9.80 -8.28
CA ASP B 36 -2.28 10.23 -8.45
C ASP B 36 -1.81 11.01 -7.21
N PRO B 37 -0.53 10.84 -6.83
CA PRO B 37 0.02 11.52 -5.66
C PRO B 37 -0.32 13.01 -5.60
N GLY B 38 -0.93 13.41 -4.49
CA GLY B 38 -1.30 14.80 -4.29
C GLY B 38 -2.48 15.29 -5.10
N MET B 39 -3.18 14.39 -5.80
CA MET B 39 -4.30 14.82 -6.60
C MET B 39 -5.61 14.11 -6.30
N GLY B 40 -5.60 13.27 -5.27
CA GLY B 40 -6.81 12.55 -4.90
C GLY B 40 -7.30 11.67 -6.03
N LEU B 41 -8.62 11.49 -6.10
CA LEU B 41 -9.25 10.66 -7.13
C LEU B 41 -9.96 11.56 -8.14
N ARG B 42 -9.60 11.43 -9.41
CA ARG B 42 -10.22 12.23 -10.44
C ARG B 42 -11.06 11.37 -11.37
N LEU B 43 -12.30 11.78 -11.55
CA LEU B 43 -13.27 11.09 -12.38
C LEU B 43 -12.93 11.17 -13.87
N ILE B 44 -12.75 10.01 -14.49
CA ILE B 44 -12.43 9.93 -15.92
C ILE B 44 -13.70 9.91 -16.75
N HIS B 45 -14.53 8.88 -16.53
CA HIS B 45 -15.80 8.69 -17.23
C HIS B 45 -16.72 7.89 -16.29
N TYR B 46 -18.01 7.98 -16.54
CA TYR B 46 -18.97 7.20 -15.77
C TYR B 46 -20.11 6.78 -16.67
N SER B 47 -21.07 6.03 -16.13
CA SER B 47 -22.19 5.55 -16.91
C SER B 47 -23.43 5.40 -16.04
N VAL B 48 -24.53 5.94 -16.52
CA VAL B 48 -25.79 5.89 -15.78
C VAL B 48 -26.61 4.65 -16.15
N GLY B 49 -26.15 3.89 -17.13
CA GLY B 49 -26.88 2.70 -17.54
C GLY B 49 -26.39 2.19 -18.89
N ALA B 50 -26.89 1.03 -19.30
CA ALA B 50 -26.48 0.44 -20.57
C ALA B 50 -26.77 1.37 -21.74
N GLY B 51 -25.83 1.44 -22.68
CA GLY B 51 -25.98 2.28 -23.85
C GLY B 51 -25.60 3.74 -23.62
N ILE B 52 -25.34 4.10 -22.37
CA ILE B 52 -24.96 5.47 -22.05
C ILE B 52 -23.64 5.54 -21.29
N THR B 53 -22.83 6.49 -21.70
CA THR B 53 -21.53 6.74 -21.11
C THR B 53 -21.48 8.27 -20.91
N ASP B 54 -20.96 8.71 -19.77
CA ASP B 54 -20.90 10.14 -19.45
C ASP B 54 -19.48 10.63 -19.18
N GLN B 55 -19.12 11.73 -19.83
CA GLN B 55 -17.79 12.30 -19.67
C GLN B 55 -17.51 12.72 -18.22
N GLY B 56 -16.29 12.46 -17.75
CA GLY B 56 -15.92 12.84 -16.40
C GLY B 56 -15.09 14.11 -16.39
N GLU B 57 -14.28 14.28 -15.35
CA GLU B 57 -13.44 15.46 -15.22
C GLU B 57 -12.22 15.40 -16.14
N VAL B 58 -11.63 14.21 -16.30
CA VAL B 58 -10.46 14.03 -17.14
C VAL B 58 -10.61 12.88 -18.15
N PRO B 59 -11.56 13.02 -19.08
CA PRO B 59 -11.84 12.02 -20.12
C PRO B 59 -10.80 11.86 -21.23
N ASN B 60 -10.04 12.90 -21.53
CA ASN B 60 -9.06 12.83 -22.62
C ASN B 60 -8.09 11.66 -22.57
N GLY B 61 -8.04 10.93 -23.68
CA GLY B 61 -7.16 9.78 -23.78
C GLY B 61 -7.82 8.47 -23.40
N TYR B 62 -9.06 8.53 -22.92
CA TYR B 62 -9.77 7.32 -22.52
C TYR B 62 -11.13 7.16 -23.18
N ASN B 63 -11.51 5.89 -23.40
CA ASN B 63 -12.81 5.56 -23.97
C ASN B 63 -13.44 4.52 -23.06
N VAL B 64 -14.77 4.48 -23.04
CA VAL B 64 -15.49 3.49 -22.25
C VAL B 64 -16.74 3.09 -22.99
N SER B 65 -17.33 1.96 -22.60
CA SER B 65 -18.56 1.49 -23.22
C SER B 65 -19.36 0.82 -22.13
N ARG B 66 -20.69 0.80 -22.30
CA ARG B 66 -21.59 0.16 -21.36
C ARG B 66 -22.68 -0.59 -22.13
N SER B 67 -22.32 -1.76 -22.67
CA SER B 67 -23.28 -2.58 -23.41
C SER B 67 -24.14 -3.38 -22.43
N THR B 68 -23.62 -3.59 -21.23
CA THR B 68 -24.34 -4.33 -20.22
C THR B 68 -24.29 -3.59 -18.89
N THR B 69 -25.15 -4.00 -17.97
CA THR B 69 -25.18 -3.36 -16.69
C THR B 69 -24.00 -3.82 -15.83
N GLU B 70 -23.65 -5.10 -15.92
CA GLU B 70 -22.54 -5.65 -15.14
C GLU B 70 -21.14 -5.10 -15.44
N ASP B 71 -20.81 -4.93 -16.71
CA ASP B 71 -19.48 -4.44 -17.07
C ASP B 71 -19.37 -3.01 -17.56
N PHE B 72 -18.17 -2.46 -17.33
CA PHE B 72 -17.84 -1.09 -17.72
C PHE B 72 -16.33 -1.03 -18.01
N PRO B 73 -15.92 -1.44 -19.23
CA PRO B 73 -14.50 -1.42 -19.59
C PRO B 73 -13.93 -0.04 -19.90
N LEU B 74 -12.66 0.15 -19.55
CA LEU B 74 -11.92 1.39 -19.77
C LEU B 74 -10.82 1.08 -20.76
N ARG B 75 -10.80 1.76 -21.90
CA ARG B 75 -9.78 1.50 -22.90
C ARG B 75 -8.82 2.65 -23.09
N LEU B 76 -7.53 2.34 -23.05
CA LEU B 76 -6.49 3.33 -23.28
C LEU B 76 -6.07 3.17 -24.74
N LEU B 77 -6.51 4.13 -25.55
CA LEU B 77 -6.25 4.17 -26.99
C LEU B 77 -4.78 4.00 -27.34
N SER B 78 -3.98 4.97 -26.94
CA SER B 78 -2.55 4.98 -27.21
C SER B 78 -1.86 5.40 -25.92
N ALA B 79 -1.44 4.40 -25.14
CA ALA B 79 -0.79 4.64 -23.86
C ALA B 79 0.29 5.72 -23.85
N ALA B 80 0.22 6.60 -22.86
CA ALA B 80 1.18 7.67 -22.70
C ALA B 80 1.64 7.70 -21.24
N PRO B 81 2.90 8.08 -20.99
CA PRO B 81 3.48 8.14 -19.65
C PRO B 81 2.60 8.85 -18.63
N SER B 82 1.82 9.84 -19.09
CA SER B 82 0.96 10.57 -18.18
C SER B 82 -0.23 9.73 -17.70
N GLN B 83 -0.48 8.60 -18.37
CA GLN B 83 -1.57 7.73 -17.98
C GLN B 83 -1.13 6.72 -16.91
N THR B 84 0.09 6.90 -16.42
CA THR B 84 0.60 6.04 -15.38
C THR B 84 -0.02 6.45 -14.06
N SER B 85 -0.74 5.53 -13.42
CA SER B 85 -1.36 5.78 -12.12
C SER B 85 -2.17 4.56 -11.69
N VAL B 86 -3.04 4.74 -10.71
CA VAL B 86 -3.87 3.65 -10.22
C VAL B 86 -5.29 4.01 -10.58
N TYR B 87 -5.97 3.08 -11.24
CA TYR B 87 -7.35 3.28 -11.68
C TYR B 87 -8.31 2.48 -10.84
N PHE B 88 -9.39 3.13 -10.43
CA PHE B 88 -10.41 2.52 -9.62
C PHE B 88 -11.76 2.62 -10.30
N CYS B 89 -12.46 1.50 -10.31
CA CYS B 89 -13.79 1.42 -10.85
C CYS B 89 -14.70 1.45 -9.63
N ALA B 90 -15.85 2.12 -9.72
CA ALA B 90 -16.77 2.17 -8.59
C ALA B 90 -18.19 2.12 -9.09
N SER B 91 -19.08 1.53 -8.31
CA SER B 91 -20.48 1.44 -8.73
C SER B 91 -21.41 1.77 -7.57
N SER B 92 -22.69 1.98 -7.89
CA SER B 92 -23.68 2.29 -6.88
C SER B 92 -25.10 2.38 -7.44
N TYR B 93 -26.08 2.34 -6.55
CA TYR B 93 -27.46 2.46 -6.96
C TYR B 93 -27.65 3.90 -7.38
N VAL B 94 -28.72 4.14 -8.15
CA VAL B 94 -29.04 5.47 -8.67
C VAL B 94 -29.22 6.67 -7.75
N SER B 95 -30.03 6.55 -6.70
CA SER B 95 -30.27 7.71 -5.82
C SER B 95 -29.04 8.32 -5.15
N GLN B 96 -29.08 9.65 -5.00
CA GLN B 96 -27.97 10.43 -4.41
C GLN B 96 -27.54 10.09 -2.99
N ASN B 97 -28.35 9.29 -2.29
CA ASN B 97 -28.02 8.92 -0.92
C ASN B 97 -27.13 7.69 -0.86
N ASN B 98 -26.96 7.00 -1.98
CA ASN B 98 -26.15 5.80 -2.01
C ASN B 98 -24.66 6.09 -2.10
N GLU B 99 -23.87 5.28 -1.41
CA GLU B 99 -22.42 5.45 -1.44
C GLU B 99 -21.94 4.58 -2.60
N GLN B 100 -20.68 4.77 -2.99
CA GLN B 100 -20.10 3.99 -4.08
C GLN B 100 -19.29 2.82 -3.52
N PHE B 101 -19.23 1.72 -4.27
CA PHE B 101 -18.47 0.53 -3.88
C PHE B 101 -17.28 0.48 -4.85
N PHE B 102 -16.05 0.46 -4.33
CA PHE B 102 -14.87 0.42 -5.19
C PHE B 102 -14.24 -0.95 -5.44
N GLY B 103 -13.64 -1.10 -6.62
CA GLY B 103 -12.95 -2.33 -6.97
C GLY B 103 -11.57 -2.24 -6.34
N PRO B 104 -10.72 -3.28 -6.47
CA PRO B 104 -9.37 -3.25 -5.87
C PRO B 104 -8.31 -2.38 -6.52
N GLY B 105 -8.63 -1.83 -7.69
CA GLY B 105 -7.66 -0.97 -8.36
C GLY B 105 -6.74 -1.70 -9.32
N THR B 106 -6.20 -0.95 -10.26
CA THR B 106 -5.28 -1.46 -11.26
C THR B 106 -4.13 -0.47 -11.32
N ARG B 107 -2.93 -0.96 -10.99
CA ARG B 107 -1.72 -0.14 -11.03
C ARG B 107 -1.12 -0.28 -12.43
N LEU B 108 -1.17 0.80 -13.19
CA LEU B 108 -0.68 0.79 -14.55
C LEU B 108 0.56 1.67 -14.74
N THR B 109 1.58 1.13 -15.40
CA THR B 109 2.81 1.88 -15.67
C THR B 109 3.13 1.85 -17.18
N VAL B 110 3.30 3.04 -17.75
CA VAL B 110 3.62 3.18 -19.17
C VAL B 110 5.09 3.53 -19.29
N LEU B 111 5.82 2.78 -20.11
CA LEU B 111 7.25 3.02 -20.29
C LEU B 111 7.61 3.26 -21.75
N GLU B 112 8.68 4.00 -21.97
CA GLU B 112 9.14 4.27 -23.33
C GLU B 112 9.44 2.93 -23.98
N ASP B 113 10.27 2.13 -23.32
CA ASP B 113 10.60 0.81 -23.85
C ASP B 113 10.68 -0.20 -22.71
N LEU B 114 10.32 -1.44 -23.02
CA LEU B 114 10.32 -2.51 -22.04
C LEU B 114 11.68 -3.05 -21.61
N LYS B 115 12.76 -2.63 -22.27
CA LYS B 115 14.10 -3.09 -21.92
C LYS B 115 14.48 -2.70 -20.49
N ASN B 116 13.59 -1.94 -19.85
CA ASN B 116 13.82 -1.48 -18.48
C ASN B 116 13.12 -2.36 -17.45
N VAL B 117 12.35 -3.34 -17.91
CA VAL B 117 11.65 -4.23 -17.01
C VAL B 117 12.57 -5.34 -16.51
N PHE B 118 12.59 -5.55 -15.20
CA PHE B 118 13.43 -6.56 -14.57
C PHE B 118 12.67 -7.22 -13.41
N PRO B 119 12.76 -8.55 -13.28
CA PRO B 119 12.07 -9.21 -12.17
C PRO B 119 12.95 -9.06 -10.93
N PRO B 120 12.42 -9.38 -9.75
CA PRO B 120 13.25 -9.24 -8.56
C PRO B 120 14.06 -10.50 -8.27
N GLU B 121 15.12 -10.33 -7.50
CA GLU B 121 15.90 -11.46 -7.04
C GLU B 121 15.50 -11.43 -5.58
N VAL B 122 15.30 -12.61 -4.99
CA VAL B 122 14.85 -12.69 -3.61
C VAL B 122 15.78 -13.51 -2.73
N ALA B 123 15.96 -13.07 -1.49
CA ALA B 123 16.83 -13.76 -0.56
C ALA B 123 16.24 -13.71 0.84
N VAL B 124 16.39 -14.82 1.56
CA VAL B 124 15.89 -14.88 2.92
C VAL B 124 17.09 -14.93 3.89
N PHE B 125 17.08 -14.03 4.87
CA PHE B 125 18.13 -13.97 5.86
C PHE B 125 17.59 -14.52 7.18
N GLU B 126 18.33 -15.44 7.77
CA GLU B 126 17.93 -16.12 9.01
C GLU B 126 18.24 -15.36 10.28
N PRO B 127 17.49 -15.66 11.36
CA PRO B 127 17.65 -15.02 12.68
C PRO B 127 19.04 -15.26 13.27
N SER B 128 19.53 -14.30 14.03
CA SER B 128 20.85 -14.44 14.66
C SER B 128 20.69 -15.02 16.06
N GLU B 129 21.72 -15.73 16.51
CA GLU B 129 21.70 -16.34 17.83
C GLU B 129 21.53 -15.24 18.87
N ALA B 130 22.23 -14.13 18.67
CA ALA B 130 22.15 -13.00 19.59
C ALA B 130 20.71 -12.62 19.92
N GLU B 131 19.90 -12.39 18.88
CA GLU B 131 18.51 -12.01 19.07
C GLU B 131 17.74 -13.06 19.86
N ILE B 132 17.91 -14.32 19.43
CA ILE B 132 17.24 -15.42 20.08
C ILE B 132 17.55 -15.48 21.57
N SER B 133 18.84 -15.47 21.90
CA SER B 133 19.25 -15.53 23.30
C SER B 133 18.84 -14.26 24.06
N HIS B 134 18.99 -13.12 23.39
CA HIS B 134 18.67 -11.83 24.01
C HIS B 134 17.17 -11.53 24.13
N THR B 135 16.36 -12.05 23.21
CA THR B 135 14.92 -11.77 23.23
C THR B 135 14.00 -12.97 23.20
N GLN B 136 14.55 -14.14 22.91
CA GLN B 136 13.76 -15.36 22.81
C GLN B 136 12.77 -15.28 21.66
N LYS B 137 13.09 -14.43 20.69
CA LYS B 137 12.29 -14.24 19.48
C LYS B 137 13.22 -14.44 18.28
N ALA B 138 12.66 -14.74 17.12
CA ALA B 138 13.46 -14.94 15.93
C ALA B 138 12.88 -14.18 14.74
N THR B 139 13.68 -13.31 14.17
CA THR B 139 13.22 -12.51 13.03
C THR B 139 13.91 -12.89 11.74
N LEU B 140 13.11 -13.23 10.73
CA LEU B 140 13.65 -13.54 9.40
C LEU B 140 13.45 -12.28 8.56
N VAL B 141 14.37 -12.04 7.63
CA VAL B 141 14.23 -10.88 6.76
C VAL B 141 14.24 -11.35 5.32
N CYS B 142 13.42 -10.71 4.49
CA CYS B 142 13.35 -11.05 3.08
C CYS B 142 13.71 -9.83 2.26
N LEU B 143 14.53 -10.01 1.25
CA LEU B 143 14.92 -8.90 0.39
C LEU B 143 14.60 -9.23 -1.06
N ALA B 144 13.96 -8.28 -1.74
CA ALA B 144 13.62 -8.40 -3.15
C ALA B 144 14.35 -7.21 -3.75
N THR B 145 15.26 -7.47 -4.68
CA THR B 145 16.05 -6.41 -5.26
C THR B 145 16.09 -6.40 -6.79
N GLY B 146 16.50 -5.26 -7.33
CA GLY B 146 16.62 -5.10 -8.77
C GLY B 146 15.37 -5.16 -9.63
N PHE B 147 14.19 -5.02 -9.05
CA PHE B 147 13.00 -5.08 -9.88
C PHE B 147 12.52 -3.71 -10.39
N TYR B 148 11.82 -3.75 -11.52
CA TYR B 148 11.26 -2.55 -12.16
C TYR B 148 10.32 -3.04 -13.24
N PRO B 149 9.11 -2.44 -13.33
CA PRO B 149 8.61 -1.36 -12.47
C PRO B 149 8.26 -1.86 -11.06
N ASP B 150 7.69 -0.96 -10.26
CA ASP B 150 7.31 -1.28 -8.88
C ASP B 150 5.97 -2.01 -8.79
N HIS B 151 5.86 -3.16 -9.44
CA HIS B 151 4.62 -3.92 -9.41
C HIS B 151 4.91 -5.29 -8.79
N VAL B 152 4.91 -5.35 -7.46
CA VAL B 152 5.19 -6.59 -6.76
C VAL B 152 4.31 -6.83 -5.53
N GLU B 153 4.18 -8.10 -5.15
CA GLU B 153 3.43 -8.48 -3.98
C GLU B 153 4.28 -9.50 -3.23
N LEU B 154 4.72 -9.12 -2.03
CA LEU B 154 5.56 -10.01 -1.23
C LEU B 154 4.72 -10.67 -0.15
N SER B 155 4.90 -11.97 0.01
CA SER B 155 4.16 -12.72 1.01
C SER B 155 5.09 -13.70 1.67
N TRP B 156 4.77 -14.05 2.92
CA TRP B 156 5.54 -15.01 3.70
C TRP B 156 4.72 -16.28 3.77
N TRP B 157 5.40 -17.42 3.84
CA TRP B 157 4.72 -18.71 3.92
C TRP B 157 5.39 -19.64 4.90
N VAL B 158 4.60 -20.24 5.77
CA VAL B 158 5.13 -21.17 6.76
C VAL B 158 4.48 -22.54 6.62
N ASN B 159 5.31 -23.57 6.51
CA ASN B 159 4.86 -24.95 6.36
C ASN B 159 3.69 -25.08 5.38
N GLY B 160 3.79 -24.42 4.23
CA GLY B 160 2.75 -24.52 3.21
C GLY B 160 1.63 -23.50 3.24
N LYS B 161 1.56 -22.67 4.29
CA LYS B 161 0.49 -21.68 4.37
C LYS B 161 0.94 -20.24 4.55
N GLU B 162 0.21 -19.31 3.92
CA GLU B 162 0.54 -17.89 4.00
C GLU B 162 0.24 -17.32 5.38
N VAL B 163 1.14 -16.47 5.87
CA VAL B 163 0.99 -15.87 7.19
C VAL B 163 1.03 -14.34 7.12
N HIS B 164 0.43 -13.71 8.12
CA HIS B 164 0.39 -12.25 8.19
C HIS B 164 0.81 -11.74 9.57
N SER B 165 0.66 -12.59 10.58
CA SER B 165 1.02 -12.24 11.95
C SER B 165 2.53 -12.23 12.11
N GLY B 166 3.05 -11.18 12.75
CA GLY B 166 4.49 -11.08 12.95
C GLY B 166 5.19 -10.58 11.71
N VAL B 167 4.43 -10.00 10.79
CA VAL B 167 4.99 -9.49 9.55
C VAL B 167 4.70 -8.02 9.32
N CYS B 168 5.66 -7.31 8.74
CA CYS B 168 5.51 -5.90 8.37
C CYS B 168 6.42 -5.82 7.12
N THR B 169 5.91 -5.24 6.05
CA THR B 169 6.67 -5.10 4.79
C THR B 169 6.78 -3.62 4.47
N ASP B 170 7.97 -3.14 4.10
CA ASP B 170 8.15 -1.73 3.79
C ASP B 170 6.99 -1.15 2.97
N PRO B 171 6.40 -0.04 3.42
CA PRO B 171 5.28 0.56 2.68
C PRO B 171 5.73 1.08 1.32
N GLN B 172 7.02 1.37 1.18
CA GLN B 172 7.57 1.88 -0.06
C GLN B 172 8.90 1.20 -0.43
N PRO B 173 9.12 0.96 -1.72
CA PRO B 173 10.39 0.33 -2.12
C PRO B 173 11.43 1.44 -2.16
N LEU B 174 12.70 1.09 -2.18
CA LEU B 174 13.72 2.12 -2.24
C LEU B 174 14.47 2.02 -3.55
N LYS B 175 14.85 3.17 -4.09
CA LYS B 175 15.59 3.22 -5.34
C LYS B 175 17.04 2.84 -5.06
N GLU B 176 17.60 2.01 -5.93
CA GLU B 176 18.96 1.58 -5.79
C GLU B 176 19.85 2.65 -6.40
N GLN B 177 19.24 3.47 -7.27
CA GLN B 177 19.94 4.56 -7.94
C GLN B 177 19.02 5.78 -7.90
N PRO B 178 18.97 6.48 -6.76
CA PRO B 178 18.11 7.66 -6.61
C PRO B 178 18.16 8.60 -7.81
N ALA B 179 19.27 8.57 -8.54
CA ALA B 179 19.44 9.44 -9.71
C ALA B 179 19.27 8.67 -11.02
N LEU B 180 18.05 8.23 -11.31
CA LEU B 180 17.76 7.51 -12.54
C LEU B 180 16.25 7.52 -12.83
N ASN B 181 15.89 7.99 -14.02
CA ASN B 181 14.50 8.08 -14.43
C ASN B 181 13.77 6.74 -14.33
N ASP B 182 14.53 5.66 -14.25
CA ASP B 182 13.94 4.32 -14.15
C ASP B 182 14.76 3.42 -13.22
N SER B 183 15.19 3.98 -12.09
CA SER B 183 15.97 3.22 -11.12
C SER B 183 15.24 1.95 -10.72
N ARG B 184 15.98 0.86 -10.54
CA ARG B 184 15.36 -0.39 -10.12
C ARG B 184 15.13 -0.30 -8.61
N TYR B 185 14.27 -1.16 -8.07
CA TYR B 185 13.93 -1.11 -6.66
C TYR B 185 14.33 -2.29 -5.79
N SER B 186 14.31 -2.04 -4.50
CA SER B 186 14.58 -3.03 -3.48
C SER B 186 13.43 -2.86 -2.48
N LEU B 187 13.08 -3.94 -1.81
CA LEU B 187 12.00 -3.93 -0.83
C LEU B 187 12.35 -4.98 0.20
N SER B 188 12.08 -4.69 1.47
CA SER B 188 12.36 -5.66 2.51
C SER B 188 11.11 -5.92 3.31
N SER B 189 11.15 -7.00 4.07
CA SER B 189 10.04 -7.40 4.90
C SER B 189 10.64 -8.28 5.99
N ARG B 190 9.95 -8.36 7.11
CA ARG B 190 10.44 -9.19 8.19
C ARG B 190 9.33 -10.08 8.70
N LEU B 191 9.72 -11.26 9.18
CA LEU B 191 8.79 -12.22 9.74
C LEU B 191 9.37 -12.53 11.10
N ARG B 192 8.58 -12.32 12.15
CA ARG B 192 9.09 -12.59 13.48
C ARG B 192 8.31 -13.69 14.19
N VAL B 193 9.04 -14.72 14.61
CA VAL B 193 8.45 -15.85 15.32
C VAL B 193 9.16 -16.00 16.66
N SER B 194 8.65 -16.88 17.52
CA SER B 194 9.27 -17.11 18.82
C SER B 194 10.50 -17.96 18.60
N ALA B 195 11.53 -17.74 19.41
CA ALA B 195 12.77 -18.48 19.30
C ALA B 195 12.50 -19.98 19.18
N THR B 196 11.50 -20.43 19.94
CA THR B 196 11.09 -21.84 19.97
C THR B 196 10.60 -22.35 18.62
N PHE B 197 9.86 -21.51 17.91
CA PHE B 197 9.33 -21.90 16.61
C PHE B 197 10.47 -22.08 15.61
N TRP B 198 11.29 -21.05 15.49
CA TRP B 198 12.43 -21.11 14.57
C TRP B 198 13.34 -22.30 14.86
N GLN B 199 13.58 -22.59 16.13
CA GLN B 199 14.45 -23.68 16.52
C GLN B 199 13.90 -25.08 16.26
N ASN B 200 12.72 -25.14 15.65
CA ASN B 200 12.11 -26.43 15.31
C ASN B 200 12.48 -26.72 13.85
N PRO B 201 13.47 -27.62 13.63
CA PRO B 201 13.96 -28.02 12.31
C PRO B 201 12.87 -28.38 11.31
N ARG B 202 11.74 -28.85 11.81
CA ARG B 202 10.63 -29.25 10.95
C ARG B 202 9.85 -28.06 10.35
N ASN B 203 10.12 -26.84 10.83
CA ASN B 203 9.44 -25.66 10.31
C ASN B 203 10.18 -25.14 9.07
N HIS B 204 9.42 -24.90 8.00
CA HIS B 204 9.98 -24.39 6.75
C HIS B 204 9.39 -23.01 6.46
N PHE B 205 10.28 -22.05 6.17
CA PHE B 205 9.87 -20.68 5.90
C PHE B 205 10.14 -20.28 4.45
N ARG B 206 9.24 -19.49 3.87
CA ARG B 206 9.41 -19.07 2.48
C ARG B 206 8.91 -17.67 2.19
N CYS B 207 9.73 -16.93 1.44
CA CYS B 207 9.36 -15.59 1.02
C CYS B 207 9.16 -15.63 -0.48
N GLN B 208 8.01 -15.18 -0.95
CA GLN B 208 7.83 -15.16 -2.39
C GLN B 208 7.34 -13.80 -2.85
N VAL B 209 7.88 -13.36 -3.97
CA VAL B 209 7.51 -12.08 -4.52
C VAL B 209 6.89 -12.26 -5.90
N GLN B 210 5.61 -11.90 -6.00
CA GLN B 210 4.89 -11.98 -7.25
C GLN B 210 5.24 -10.71 -8.02
N PHE B 211 5.88 -10.87 -9.17
CA PHE B 211 6.27 -9.74 -10.01
C PHE B 211 5.35 -9.66 -11.23
N TYR B 212 4.90 -8.46 -11.57
CA TYR B 212 4.04 -8.30 -12.73
C TYR B 212 4.86 -7.67 -13.84
N GLY B 213 5.09 -8.43 -14.92
CA GLY B 213 5.88 -7.92 -16.03
C GLY B 213 5.25 -8.12 -17.38
N LEU B 214 6.04 -8.64 -18.32
CA LEU B 214 5.57 -8.85 -19.68
C LEU B 214 4.71 -10.12 -19.81
N SER B 215 3.94 -10.19 -20.90
CA SER B 215 3.08 -11.32 -21.15
C SER B 215 3.59 -12.11 -22.36
N GLU B 216 2.91 -13.21 -22.66
CA GLU B 216 3.28 -14.07 -23.78
C GLU B 216 3.26 -13.29 -25.10
N ASN B 217 2.18 -12.55 -25.34
CA ASN B 217 2.03 -11.75 -26.55
C ASN B 217 2.91 -10.51 -26.52
N ASP B 218 4.09 -10.64 -25.92
CA ASP B 218 5.04 -9.54 -25.83
C ASP B 218 6.34 -10.01 -26.46
N GLU B 219 6.88 -9.21 -27.37
CA GLU B 219 8.12 -9.59 -28.02
C GLU B 219 9.29 -9.40 -27.07
N TRP B 220 10.38 -10.12 -27.35
CA TRP B 220 11.58 -10.03 -26.53
C TRP B 220 12.74 -10.74 -27.21
N THR B 221 13.72 -9.96 -27.64
CA THR B 221 14.88 -10.50 -28.34
C THR B 221 16.18 -10.20 -27.60
N GLN B 222 16.08 -9.88 -26.32
CA GLN B 222 17.26 -9.57 -25.52
C GLN B 222 17.86 -10.88 -25.06
N ASP B 223 19.17 -10.88 -24.81
CA ASP B 223 19.82 -12.09 -24.35
C ASP B 223 19.20 -12.54 -23.04
N ARG B 224 19.11 -11.63 -22.07
CA ARG B 224 18.57 -11.97 -20.77
C ARG B 224 17.16 -12.50 -20.87
N ALA B 225 16.80 -13.33 -19.90
CA ALA B 225 15.48 -13.93 -19.84
C ALA B 225 14.37 -12.87 -19.91
N LYS B 226 13.29 -13.20 -20.59
CA LYS B 226 12.15 -12.30 -20.74
C LYS B 226 11.58 -12.06 -19.35
N PRO B 227 11.41 -10.78 -18.97
CA PRO B 227 10.87 -10.48 -17.64
C PRO B 227 9.35 -10.54 -17.57
N VAL B 228 8.81 -11.76 -17.62
CA VAL B 228 7.37 -11.99 -17.56
C VAL B 228 6.84 -11.97 -16.12
N THR B 229 5.52 -12.02 -15.98
CA THR B 229 4.89 -12.06 -14.66
C THR B 229 5.31 -13.39 -14.07
N GLN B 230 5.89 -13.34 -12.87
CA GLN B 230 6.40 -14.53 -12.23
C GLN B 230 6.54 -14.39 -10.72
N ILE B 231 6.78 -15.52 -10.07
CA ILE B 231 6.97 -15.58 -8.62
C ILE B 231 8.39 -16.07 -8.34
N VAL B 232 9.16 -15.24 -7.64
CA VAL B 232 10.53 -15.56 -7.27
C VAL B 232 10.54 -15.74 -5.76
N SER B 233 11.12 -16.82 -5.27
CA SER B 233 11.14 -17.06 -3.83
C SER B 233 12.45 -17.60 -3.30
N ALA B 234 12.56 -17.59 -1.98
CA ALA B 234 13.74 -18.09 -1.29
C ALA B 234 13.18 -18.72 -0.02
N GLU B 235 13.85 -19.73 0.51
CA GLU B 235 13.36 -20.41 1.70
C GLU B 235 14.49 -20.75 2.66
N ALA B 236 14.11 -21.26 3.82
CA ALA B 236 15.05 -21.65 4.86
C ALA B 236 14.33 -22.58 5.84
N TRP B 237 15.07 -23.52 6.43
CA TRP B 237 14.50 -24.44 7.40
C TRP B 237 14.81 -23.94 8.81
N GLY B 238 14.03 -24.40 9.78
CA GLY B 238 14.27 -24.02 11.16
C GLY B 238 15.65 -24.53 11.55
N ARG B 239 16.22 -23.95 12.61
CA ARG B 239 17.56 -24.35 13.05
C ARG B 239 17.59 -24.70 14.52
N ALA B 240 18.16 -25.85 14.84
CA ALA B 240 18.24 -26.30 16.22
C ALA B 240 19.47 -25.68 16.87
#